data_2Q95
#
_entry.id   2Q95
#
_cell.length_a   38.847
_cell.length_b   62.373
_cell.length_c   52.422
_cell.angle_alpha   90.000
_cell.angle_beta   108.390
_cell.angle_gamma   90.000
#
_symmetry.space_group_name_H-M   'P 1 21 1'
#
loop_
_entity.id
_entity.type
_entity.pdbx_description
1 polymer 'Methionine aminopeptidase'
2 non-polymer 'MANGANESE (II) ION'
3 non-polymer 'SODIUM ION'
4 non-polymer '5-(2-CHLORO-4-NITROPHENYL)-2-FUROIC ACID'
5 water water
#
_entity_poly.entity_id   1
_entity_poly.type   'polypeptide(L)'
_entity_poly.pdbx_seq_one_letter_code
;AISIKTPEDIEKMRVAGRLAAEVLEMIEPYVKPGVSTGELDRICNDYIVNEQHAVSACLGYHGYPKSVCISINEVVCHGI
PDDAKLLKDGDIVNIDVTVIKDGFHGDTSKMFIVGKPTIMGERLCRITQESLYLALRMVKPGINLREIGAAIQKFVEAEG
FSVVREYCGHGIGRGFHEEPQVLHYDSRETNVVLKPGMTFTIEPMVNAGKKEIRTMKDGWTVKTKDRSLSAQYEHTIVVT
DNGCEILTLRKDDTIPAIISHDE
;
_entity_poly.pdbx_strand_id   A
#
loop_
_chem_comp.id
_chem_comp.type
_chem_comp.name
_chem_comp.formula
A05 non-polymer '5-(2-CHLORO-4-NITROPHENYL)-2-FUROIC ACID' 'C11 H6 Cl N O5'
MN non-polymer 'MANGANESE (II) ION' 'Mn 2'
NA non-polymer 'SODIUM ION' 'Na 1'
#
# COMPACT_ATOMS: atom_id res chain seq x y z
N ALA A 1 -0.89 -21.56 -4.19
CA ALA A 1 -2.34 -21.84 -3.96
C ALA A 1 -2.95 -20.78 -3.05
N ILE A 2 -4.17 -20.34 -3.38
CA ILE A 2 -4.88 -19.34 -2.59
C ILE A 2 -5.43 -19.96 -1.32
N SER A 3 -4.85 -19.56 -0.18
CA SER A 3 -5.27 -20.10 1.10
C SER A 3 -6.41 -19.36 1.78
N ILE A 4 -7.24 -20.11 2.50
CA ILE A 4 -8.36 -19.56 3.23
C ILE A 4 -7.90 -19.52 4.69
N LYS A 5 -7.81 -18.32 5.25
CA LYS A 5 -7.37 -18.18 6.63
C LYS A 5 -8.44 -18.61 7.63
N THR A 6 -8.01 -19.28 8.69
CA THR A 6 -8.92 -19.73 9.73
C THR A 6 -9.22 -18.55 10.64
N PRO A 7 -10.32 -18.61 11.40
CA PRO A 7 -10.67 -17.51 12.30
C PRO A 7 -9.49 -17.10 13.16
N GLU A 8 -8.74 -18.09 13.63
CA GLU A 8 -7.57 -17.85 14.47
C GLU A 8 -6.51 -17.05 13.71
N ASP A 9 -6.19 -17.50 12.50
CA ASP A 9 -5.20 -16.81 11.69
C ASP A 9 -5.66 -15.41 11.35
N ILE A 10 -6.95 -15.26 11.07
CA ILE A 10 -7.50 -13.95 10.74
C ILE A 10 -7.29 -12.97 11.90
N GLU A 11 -7.42 -13.46 13.14
CA GLU A 11 -7.23 -12.61 14.31
C GLU A 11 -5.77 -12.19 14.40
N LYS A 12 -4.86 -13.10 14.04
CA LYS A 12 -3.43 -12.80 14.05
C LYS A 12 -3.17 -11.74 12.98
N MET A 13 -3.92 -11.83 11.89
CA MET A 13 -3.79 -10.88 10.80
C MET A 13 -4.32 -9.52 11.22
N ARG A 14 -5.32 -9.52 12.12
CA ARG A 14 -5.88 -8.26 12.59
C ARG A 14 -4.81 -7.58 13.44
N VAL A 15 -4.15 -8.37 14.28
CA VAL A 15 -3.12 -7.84 15.15
C VAL A 15 -1.98 -7.24 14.34
N ALA A 16 -1.52 -7.99 13.34
CA ALA A 16 -0.40 -7.53 12.51
C ALA A 16 -0.81 -6.32 11.66
N GLY A 17 -2.04 -6.34 11.17
CA GLY A 17 -2.53 -5.23 10.38
C GLY A 17 -2.63 -3.96 11.20
N ARG A 18 -3.07 -4.10 12.44
CA ARG A 18 -3.21 -2.96 13.33
C ARG A 18 -1.85 -2.35 13.60
N LEU A 19 -0.85 -3.20 13.83
CA LEU A 19 0.49 -2.71 14.08
C LEU A 19 1.03 -1.93 12.89
N ALA A 20 0.87 -2.49 11.69
CA ALA A 20 1.35 -1.82 10.48
C ALA A 20 0.72 -0.44 10.35
N ALA A 21 -0.59 -0.38 10.59
CA ALA A 21 -1.30 0.90 10.48
C ALA A 21 -0.83 1.87 11.56
N GLU A 22 -0.55 1.36 12.76
CA GLU A 22 -0.10 2.23 13.84
C GLU A 22 1.29 2.79 13.60
N VAL A 23 2.07 2.14 12.76
CA VAL A 23 3.39 2.68 12.45
C VAL A 23 3.16 3.97 11.66
N LEU A 24 2.21 3.93 10.74
CA LEU A 24 1.89 5.09 9.93
C LEU A 24 1.26 6.22 10.74
N GLU A 25 0.43 5.85 11.73
CA GLU A 25 -0.21 6.87 12.59
C GLU A 25 0.86 7.50 13.48
N MET A 26 1.84 6.71 13.90
CA MET A 26 2.92 7.19 14.76
C MET A 26 3.89 8.14 14.08
N ILE A 27 4.21 7.84 12.82
CA ILE A 27 5.16 8.64 12.08
C ILE A 27 4.63 9.99 11.58
N GLU A 28 3.31 10.15 11.45
CA GLU A 28 2.70 11.39 11.01
C GLU A 28 3.34 12.72 11.47
N PRO A 29 3.39 12.93 12.79
CA PRO A 29 3.96 14.18 13.32
C PRO A 29 5.37 14.51 12.91
N TYR A 30 6.09 13.49 12.45
CA TYR A 30 7.47 13.65 12.05
C TYR A 30 7.67 14.01 10.60
N VAL A 31 6.67 13.74 9.77
CA VAL A 31 6.78 14.04 8.35
C VAL A 31 6.66 15.55 8.17
N LYS A 32 7.78 16.24 8.31
CA LYS A 32 7.85 17.70 8.21
C LYS A 32 8.96 18.17 7.30
N PRO A 33 8.84 19.39 6.76
CA PRO A 33 9.90 19.89 5.88
C PRO A 33 11.21 19.84 6.66
N GLY A 34 12.31 19.49 5.98
CA GLY A 34 13.59 19.44 6.64
C GLY A 34 14.00 18.09 7.21
N VAL A 35 13.04 17.21 7.47
CA VAL A 35 13.37 15.90 8.00
C VAL A 35 13.92 15.03 6.86
N SER A 36 14.84 14.13 7.20
CA SER A 36 15.44 13.22 6.21
C SER A 36 14.65 11.92 6.21
N THR A 37 14.58 11.27 5.05
CA THR A 37 13.86 10.01 4.95
C THR A 37 14.62 8.97 5.76
N GLY A 38 15.93 9.17 5.86
CA GLY A 38 16.77 8.27 6.63
C GLY A 38 16.33 8.25 8.08
N GLU A 39 16.04 9.40 8.66
CA GLU A 39 15.59 9.43 10.04
C GLU A 39 14.19 8.85 10.21
N LEU A 40 13.31 9.11 9.24
CA LEU A 40 11.97 8.56 9.32
C LEU A 40 12.02 7.04 9.43
N ASP A 41 12.90 6.43 8.63
CA ASP A 41 13.07 4.99 8.65
C ASP A 41 13.55 4.50 10.01
N ARG A 42 14.54 5.18 10.57
CA ARG A 42 15.05 4.79 11.88
C ARG A 42 13.97 4.89 12.96
N ILE A 43 13.10 5.89 12.87
CA ILE A 43 12.04 6.04 13.85
C ILE A 43 11.06 4.87 13.77
N CYS A 44 10.71 4.49 12.54
CA CYS A 44 9.78 3.39 12.32
C CYS A 44 10.37 2.07 12.79
N ASN A 45 11.64 1.84 12.49
CA ASN A 45 12.28 0.60 12.90
C ASN A 45 12.32 0.48 14.42
N ASP A 46 12.73 1.55 15.09
CA ASP A 46 12.80 1.55 16.55
C ASP A 46 11.43 1.24 17.12
N TYR A 47 10.41 1.86 16.54
CA TYR A 47 9.03 1.65 17.00
C TYR A 47 8.61 0.19 16.81
N ILE A 48 8.80 -0.31 15.60
CA ILE A 48 8.42 -1.69 15.27
C ILE A 48 9.09 -2.69 16.20
N VAL A 49 10.39 -2.53 16.40
CA VAL A 49 11.18 -3.43 17.23
C VAL A 49 11.06 -3.25 18.75
N ASN A 50 11.31 -2.04 19.23
CA ASN A 50 11.27 -1.77 20.66
C ASN A 50 9.89 -1.61 21.29
N GLU A 51 8.93 -1.14 20.50
CA GLU A 51 7.58 -0.92 21.01
C GLU A 51 6.58 -1.98 20.63
N GLN A 52 6.48 -2.28 19.35
CA GLN A 52 5.53 -3.27 18.88
C GLN A 52 6.03 -4.69 19.06
N HIS A 53 7.33 -4.83 19.29
CA HIS A 53 7.93 -6.15 19.47
C HIS A 53 7.58 -7.00 18.25
N ALA A 54 7.79 -6.40 17.08
CA ALA A 54 7.52 -7.05 15.81
C ALA A 54 8.76 -6.89 14.94
N VAL A 55 8.68 -7.30 13.68
CA VAL A 55 9.82 -7.18 12.77
C VAL A 55 9.39 -6.70 11.40
N SER A 56 10.26 -5.93 10.75
CA SER A 56 9.98 -5.43 9.41
C SER A 56 10.21 -6.57 8.41
N ALA A 57 9.23 -6.83 7.57
CA ALA A 57 9.36 -7.88 6.56
C ALA A 57 10.20 -7.41 5.38
N CYS A 58 10.45 -6.10 5.32
CA CYS A 58 11.24 -5.52 4.24
C CYS A 58 12.74 -5.66 4.47
N LEU A 59 13.17 -5.53 5.72
CA LEU A 59 14.59 -5.61 6.04
C LEU A 59 15.24 -6.93 5.64
N GLY A 60 16.14 -6.87 4.66
CA GLY A 60 16.82 -8.06 4.20
C GLY A 60 16.13 -8.80 3.08
N TYR A 61 14.87 -8.46 2.82
CA TYR A 61 14.07 -9.08 1.78
C TYR A 61 14.69 -8.77 0.40
N HIS A 62 15.25 -9.80 -0.22
CA HIS A 62 15.94 -9.64 -1.51
C HIS A 62 17.07 -8.63 -1.35
N GLY A 63 17.52 -8.49 -0.11
CA GLY A 63 18.62 -7.57 0.19
C GLY A 63 18.21 -6.14 0.47
N TYR A 64 16.92 -5.85 0.55
CA TYR A 64 16.47 -4.49 0.81
C TYR A 64 17.15 -4.04 2.11
N PRO A 65 17.86 -2.89 2.08
CA PRO A 65 18.59 -2.30 3.21
C PRO A 65 17.89 -1.62 4.37
N LYS A 66 16.65 -1.19 4.19
CA LYS A 66 15.94 -0.48 5.26
C LYS A 66 14.69 -1.20 5.78
N SER A 67 14.06 -0.61 6.78
CA SER A 67 12.88 -1.19 7.41
C SER A 67 11.57 -0.84 6.72
N VAL A 68 11.52 0.32 6.09
CA VAL A 68 10.32 0.73 5.38
C VAL A 68 10.75 1.35 4.06
N CYS A 69 9.83 1.39 3.10
CA CYS A 69 10.11 2.01 1.82
C CYS A 69 9.55 3.43 1.85
N ILE A 70 10.34 4.40 1.41
CA ILE A 70 9.88 5.78 1.39
C ILE A 70 10.13 6.34 -0.01
N SER A 71 9.04 6.69 -0.70
CA SER A 71 9.10 7.21 -2.06
C SER A 71 8.56 8.62 -2.16
N ILE A 72 9.35 9.50 -2.79
CA ILE A 72 8.98 10.90 -2.95
C ILE A 72 8.72 11.32 -4.39
N ASN A 73 7.66 12.10 -4.58
CA ASN A 73 7.27 12.64 -5.88
C ASN A 73 7.34 11.74 -7.09
N GLU A 74 8.37 11.89 -7.94
CA GLU A 74 8.46 11.06 -9.13
C GLU A 74 8.82 9.59 -8.86
N VAL A 75 9.31 9.29 -7.66
CA VAL A 75 9.67 7.93 -7.30
C VAL A 75 8.39 7.13 -7.12
N VAL A 76 8.24 6.06 -7.89
CA VAL A 76 7.05 5.22 -7.85
C VAL A 76 7.00 4.24 -6.67
N CYS A 77 8.13 3.62 -6.37
CA CYS A 77 8.17 2.67 -5.25
C CYS A 77 9.59 2.24 -4.92
N HIS A 78 9.73 1.56 -3.79
CA HIS A 78 11.01 1.04 -3.31
C HIS A 78 12.06 2.10 -3.04
N GLY A 79 11.61 3.34 -2.81
CA GLY A 79 12.54 4.40 -2.49
C GLY A 79 13.29 3.98 -1.25
N ILE A 80 14.58 4.30 -1.18
CA ILE A 80 15.40 3.90 -0.04
C ILE A 80 15.69 5.03 0.94
N PRO A 81 15.30 4.86 2.22
CA PRO A 81 15.57 5.91 3.22
C PRO A 81 17.04 6.29 3.17
N ASP A 82 17.30 7.59 3.06
CA ASP A 82 18.65 8.11 2.97
C ASP A 82 18.77 9.35 3.85
N ASP A 83 19.88 9.46 4.59
CA ASP A 83 20.09 10.60 5.49
C ASP A 83 20.27 11.93 4.78
N ALA A 84 20.65 11.91 3.50
CA ALA A 84 20.86 13.14 2.75
C ALA A 84 19.61 13.58 2.01
N LYS A 85 18.57 12.76 2.04
CA LYS A 85 17.33 13.11 1.35
C LYS A 85 16.39 13.81 2.33
N LEU A 86 16.18 15.10 2.11
CA LEU A 86 15.32 15.90 2.98
C LEU A 86 13.98 16.20 2.33
N LEU A 87 12.91 16.11 3.12
CA LEU A 87 11.59 16.40 2.60
C LEU A 87 11.45 17.92 2.55
N LYS A 88 10.54 18.40 1.72
CA LYS A 88 10.32 19.84 1.59
C LYS A 88 8.86 20.15 1.26
N ASP A 89 8.49 21.42 1.42
CA ASP A 89 7.14 21.87 1.14
C ASP A 89 6.70 21.42 -0.25
N GLY A 90 5.48 20.91 -0.34
CA GLY A 90 4.96 20.47 -1.61
C GLY A 90 5.19 19.01 -1.96
N ASP A 91 6.15 18.37 -1.31
CA ASP A 91 6.43 16.97 -1.58
C ASP A 91 5.25 16.06 -1.25
N ILE A 92 5.12 14.98 -2.02
CA ILE A 92 4.12 13.97 -1.74
C ILE A 92 5.03 12.81 -1.43
N VAL A 93 4.79 12.15 -0.30
CA VAL A 93 5.66 11.05 0.11
C VAL A 93 4.88 9.82 0.54
N ASN A 94 5.30 8.66 0.06
CA ASN A 94 4.66 7.41 0.44
C ASN A 94 5.59 6.69 1.39
N ILE A 95 5.02 6.20 2.49
CA ILE A 95 5.77 5.41 3.44
C ILE A 95 5.04 4.08 3.43
N ASP A 96 5.76 3.03 3.06
CA ASP A 96 5.19 1.69 2.97
C ASP A 96 5.73 0.81 4.08
N VAL A 97 4.82 0.18 4.81
CA VAL A 97 5.17 -0.65 5.94
C VAL A 97 4.63 -2.07 5.88
N THR A 98 5.45 -3.02 6.31
CA THR A 98 5.02 -4.41 6.41
C THR A 98 5.70 -4.95 7.65
N VAL A 99 4.90 -5.37 8.62
CA VAL A 99 5.46 -5.92 9.85
C VAL A 99 5.00 -7.35 10.00
N ILE A 100 5.79 -8.14 10.71
CA ILE A 100 5.44 -9.53 10.96
C ILE A 100 5.26 -9.63 12.46
N LYS A 101 4.17 -10.25 12.89
CA LYS A 101 3.90 -10.41 14.31
C LYS A 101 3.17 -11.72 14.53
N ASP A 102 3.73 -12.57 15.39
CA ASP A 102 3.14 -13.85 15.69
C ASP A 102 2.99 -14.68 14.41
N GLY A 103 3.96 -14.50 13.50
CA GLY A 103 3.98 -15.24 12.25
C GLY A 103 3.20 -14.67 11.07
N PHE A 104 2.41 -13.62 11.29
CA PHE A 104 1.62 -13.05 10.20
C PHE A 104 1.99 -11.62 9.79
N HIS A 105 1.74 -11.30 8.53
CA HIS A 105 2.07 -9.99 7.98
C HIS A 105 0.93 -8.98 7.86
N GLY A 106 1.28 -7.71 8.09
CA GLY A 106 0.37 -6.59 7.98
C GLY A 106 1.07 -5.68 7.00
N ASP A 107 0.43 -5.40 5.87
CA ASP A 107 1.04 -4.60 4.80
C ASP A 107 0.18 -3.37 4.46
N THR A 108 0.75 -2.18 4.60
CA THR A 108 -0.01 -0.97 4.30
C THR A 108 0.87 0.26 4.06
N SER A 109 0.35 1.20 3.27
CA SER A 109 1.09 2.43 2.98
C SER A 109 0.11 3.56 2.75
N LYS A 110 0.61 4.79 2.83
CA LYS A 110 -0.21 5.96 2.58
C LYS A 110 0.67 7.09 2.10
N MET A 111 0.04 8.09 1.51
CA MET A 111 0.73 9.28 1.03
C MET A 111 0.65 10.35 2.11
N PHE A 112 1.70 11.14 2.23
CA PHE A 112 1.73 12.25 3.16
C PHE A 112 2.08 13.47 2.32
N ILE A 113 1.39 14.59 2.55
CA ILE A 113 1.71 15.82 1.83
C ILE A 113 2.56 16.62 2.81
N VAL A 114 3.75 17.02 2.39
CA VAL A 114 4.65 17.76 3.26
C VAL A 114 4.47 19.27 3.18
N GLY A 115 4.34 19.90 4.34
CA GLY A 115 4.16 21.34 4.39
C GLY A 115 3.04 21.85 3.50
N LYS A 116 3.32 22.97 2.82
CA LYS A 116 2.35 23.58 1.93
C LYS A 116 2.14 22.68 0.72
N PRO A 117 0.91 22.15 0.56
CA PRO A 117 0.65 21.27 -0.57
C PRO A 117 0.51 21.96 -1.92
N THR A 118 0.65 21.17 -2.97
CA THR A 118 0.47 21.67 -4.33
C THR A 118 -0.85 21.05 -4.72
N ILE A 119 -1.66 21.79 -5.46
CA ILE A 119 -2.96 21.28 -5.86
C ILE A 119 -2.85 19.98 -6.66
N MET A 120 -1.90 19.89 -7.57
CA MET A 120 -1.73 18.68 -8.38
C MET A 120 -1.33 17.50 -7.52
N GLY A 121 -0.50 17.76 -6.52
CA GLY A 121 -0.06 16.71 -5.63
C GLY A 121 -1.23 16.18 -4.84
N GLU A 122 -2.03 17.08 -4.28
CA GLU A 122 -3.20 16.70 -3.50
C GLU A 122 -4.19 15.90 -4.36
N ARG A 123 -4.37 16.35 -5.60
CA ARG A 123 -5.29 15.68 -6.51
C ARG A 123 -4.85 14.25 -6.83
N LEU A 124 -3.57 14.08 -7.15
CA LEU A 124 -3.04 12.75 -7.46
C LEU A 124 -3.25 11.81 -6.29
N CYS A 125 -2.90 12.26 -5.09
CA CYS A 125 -3.06 11.43 -3.89
C CYS A 125 -4.53 11.13 -3.63
N ARG A 126 -5.39 12.13 -3.75
CA ARG A 126 -6.82 11.93 -3.51
C ARG A 126 -7.41 10.88 -4.47
N ILE A 127 -7.13 11.04 -5.76
CA ILE A 127 -7.63 10.09 -6.77
C ILE A 127 -7.07 8.69 -6.53
N THR A 128 -5.81 8.61 -6.12
CA THR A 128 -5.20 7.31 -5.87
C THR A 128 -5.89 6.61 -4.69
N GLN A 129 -6.12 7.35 -3.60
CA GLN A 129 -6.78 6.74 -2.47
C GLN A 129 -8.21 6.35 -2.84
N GLU A 130 -8.85 7.17 -3.65
CA GLU A 130 -10.22 6.89 -4.08
C GLU A 130 -10.28 5.64 -4.95
N SER A 131 -9.24 5.41 -5.74
CA SER A 131 -9.20 4.22 -6.58
C SER A 131 -9.10 2.98 -5.67
N LEU A 132 -8.40 3.13 -4.54
CA LEU A 132 -8.28 2.02 -3.59
C LEU A 132 -9.63 1.81 -2.94
N TYR A 133 -10.26 2.90 -2.50
CA TYR A 133 -11.56 2.83 -1.86
C TYR A 133 -12.66 2.21 -2.73
N LEU A 134 -12.71 2.60 -4.01
CA LEU A 134 -13.75 2.06 -4.89
C LEU A 134 -13.53 0.56 -5.03
N ALA A 135 -12.28 0.13 -5.04
CA ALA A 135 -11.96 -1.29 -5.15
C ALA A 135 -12.41 -2.02 -3.89
N LEU A 136 -12.14 -1.44 -2.73
CA LEU A 136 -12.53 -2.06 -1.47
C LEU A 136 -14.03 -2.26 -1.39
N ARG A 137 -14.80 -1.32 -1.95
CA ARG A 137 -16.26 -1.41 -1.90
C ARG A 137 -16.79 -2.55 -2.79
N MET A 138 -15.94 -3.07 -3.65
CA MET A 138 -16.34 -4.15 -4.55
C MET A 138 -16.04 -5.53 -3.99
N VAL A 139 -15.11 -5.62 -3.05
CA VAL A 139 -14.72 -6.91 -2.48
C VAL A 139 -15.81 -7.65 -1.70
N LYS A 140 -16.12 -8.85 -2.18
CA LYS A 140 -17.12 -9.70 -1.54
C LYS A 140 -17.07 -11.04 -2.25
N PRO A 141 -17.51 -12.12 -1.58
CA PRO A 141 -17.50 -13.44 -2.18
C PRO A 141 -18.19 -13.47 -3.55
N GLY A 142 -17.60 -14.19 -4.50
CA GLY A 142 -18.21 -14.31 -5.82
C GLY A 142 -17.71 -13.36 -6.89
N ILE A 143 -17.18 -12.21 -6.49
CA ILE A 143 -16.68 -11.24 -7.45
C ILE A 143 -15.31 -11.68 -7.98
N ASN A 144 -15.03 -11.35 -9.23
CA ASN A 144 -13.75 -11.72 -9.83
C ASN A 144 -12.76 -10.57 -9.68
N LEU A 145 -11.52 -10.89 -9.34
CA LEU A 145 -10.51 -9.87 -9.18
C LEU A 145 -10.32 -9.03 -10.44
N ARG A 146 -10.61 -9.63 -11.60
CA ARG A 146 -10.47 -8.90 -12.85
C ARG A 146 -11.42 -7.70 -12.89
N GLU A 147 -12.63 -7.89 -12.36
CA GLU A 147 -13.60 -6.81 -12.33
C GLU A 147 -13.07 -5.61 -11.53
N ILE A 148 -12.37 -5.91 -10.43
CA ILE A 148 -11.81 -4.88 -9.57
C ILE A 148 -10.63 -4.18 -10.24
N GLY A 149 -9.78 -4.95 -10.92
CA GLY A 149 -8.65 -4.37 -11.60
C GLY A 149 -9.14 -3.44 -12.69
N ALA A 150 -10.16 -3.88 -13.42
CA ALA A 150 -10.72 -3.07 -14.51
C ALA A 150 -11.35 -1.79 -14.00
N ALA A 151 -12.00 -1.86 -12.84
CA ALA A 151 -12.65 -0.70 -12.25
C ALA A 151 -11.63 0.34 -11.81
N ILE A 152 -10.55 -0.13 -11.19
CA ILE A 152 -9.50 0.79 -10.74
C ILE A 152 -8.93 1.52 -11.95
N GLN A 153 -8.63 0.78 -13.01
CA GLN A 153 -8.06 1.38 -14.21
C GLN A 153 -8.99 2.39 -14.87
N LYS A 154 -10.26 2.03 -15.03
CA LYS A 154 -11.23 2.92 -15.66
C LYS A 154 -11.28 4.27 -14.93
N PHE A 155 -11.37 4.20 -13.61
CA PHE A 155 -11.45 5.40 -12.76
C PHE A 155 -10.20 6.27 -12.92
N VAL A 156 -9.05 5.66 -12.71
CA VAL A 156 -7.78 6.36 -12.80
C VAL A 156 -7.54 7.01 -14.17
N GLU A 157 -7.76 6.25 -15.23
CA GLU A 157 -7.53 6.77 -16.57
C GLU A 157 -8.50 7.90 -16.92
N ALA A 158 -9.71 7.86 -16.35
CA ALA A 158 -10.70 8.90 -16.62
C ALA A 158 -10.21 10.25 -16.08
N GLU A 159 -9.37 10.22 -15.05
CA GLU A 159 -8.83 11.44 -14.45
C GLU A 159 -7.59 11.91 -15.19
N GLY A 160 -7.23 11.19 -16.24
CA GLY A 160 -6.05 11.56 -17.01
C GLY A 160 -4.77 11.00 -16.41
N PHE A 161 -4.89 10.07 -15.47
CA PHE A 161 -3.71 9.46 -14.86
C PHE A 161 -3.56 8.06 -15.44
N SER A 162 -2.54 7.34 -14.99
CA SER A 162 -2.28 5.99 -15.48
C SER A 162 -1.90 5.04 -14.33
N VAL A 163 -2.10 3.75 -14.57
CA VAL A 163 -1.79 2.72 -13.57
C VAL A 163 -0.49 2.00 -13.94
N VAL A 164 0.39 1.84 -12.95
CA VAL A 164 1.66 1.14 -13.17
C VAL A 164 1.35 -0.35 -13.31
N ARG A 165 1.87 -0.96 -14.37
CA ARG A 165 1.62 -2.37 -14.66
C ARG A 165 2.62 -3.36 -14.04
N GLU A 166 3.84 -2.88 -13.76
CA GLU A 166 4.89 -3.73 -13.21
C GLU A 166 4.66 -4.28 -11.81
N TYR A 167 3.79 -3.65 -11.03
CA TYR A 167 3.52 -4.11 -9.67
C TYR A 167 2.05 -4.35 -9.40
N CYS A 168 1.76 -5.21 -8.44
CA CYS A 168 0.37 -5.54 -8.11
C CYS A 168 0.17 -5.88 -6.64
N GLY A 169 -1.10 -6.00 -6.25
CA GLY A 169 -1.45 -6.38 -4.90
C GLY A 169 -1.15 -7.86 -4.80
N HIS A 170 -1.33 -8.44 -3.61
CA HIS A 170 -0.99 -9.84 -3.43
C HIS A 170 -1.62 -10.47 -2.22
N GLY A 171 -1.76 -11.79 -2.26
CA GLY A 171 -2.27 -12.52 -1.12
C GLY A 171 -1.22 -12.32 -0.04
N ILE A 172 -1.61 -12.49 1.21
CA ILE A 172 -0.68 -12.27 2.31
C ILE A 172 -1.12 -13.09 3.53
N GLY A 173 -0.16 -13.52 4.34
CA GLY A 173 -0.46 -14.31 5.52
C GLY A 173 0.84 -14.64 6.23
N ARG A 174 1.21 -15.92 6.30
CA ARG A 174 2.48 -16.27 6.92
C ARG A 174 3.60 -15.87 5.97
N GLY A 175 3.22 -15.57 4.73
CA GLY A 175 4.19 -15.12 3.74
C GLY A 175 3.90 -13.67 3.33
N PHE A 176 4.95 -12.91 3.05
CA PHE A 176 4.82 -11.51 2.64
C PHE A 176 3.94 -11.46 1.38
N HIS A 177 4.36 -12.18 0.35
CA HIS A 177 3.63 -12.24 -0.91
C HIS A 177 3.18 -13.67 -1.21
N GLU A 178 1.87 -13.84 -1.32
CA GLU A 178 1.30 -15.16 -1.60
C GLU A 178 0.31 -14.99 -2.75
N GLU A 179 -0.20 -16.09 -3.27
CA GLU A 179 -1.19 -16.01 -4.34
C GLU A 179 -2.45 -15.46 -3.67
N PRO A 180 -3.32 -14.77 -4.42
CA PRO A 180 -3.18 -14.49 -5.86
C PRO A 180 -2.54 -13.13 -6.11
N GLN A 181 -2.27 -12.83 -7.37
CA GLN A 181 -1.73 -11.54 -7.75
C GLN A 181 -2.97 -10.66 -7.90
N VAL A 182 -2.88 -9.42 -7.45
CA VAL A 182 -4.01 -8.51 -7.56
C VAL A 182 -3.65 -7.33 -8.47
N LEU A 183 -3.86 -7.54 -9.77
CA LEU A 183 -3.59 -6.51 -10.77
C LEU A 183 -4.55 -5.35 -10.62
N HIS A 184 -4.03 -4.13 -10.81
CA HIS A 184 -4.87 -2.95 -10.69
C HIS A 184 -5.33 -2.44 -12.05
N TYR A 185 -5.43 -3.37 -13.00
CA TYR A 185 -5.87 -3.06 -14.36
C TYR A 185 -6.49 -4.31 -14.96
N ASP A 186 -7.18 -4.17 -16.09
CA ASP A 186 -7.83 -5.31 -16.70
C ASP A 186 -6.87 -6.25 -17.41
N SER A 187 -7.05 -7.54 -17.16
CA SER A 187 -6.23 -8.57 -17.79
C SER A 187 -6.98 -9.87 -18.03
N ARG A 188 -6.74 -10.49 -19.19
CA ARG A 188 -7.37 -11.75 -19.55
C ARG A 188 -6.82 -12.90 -18.72
N GLU A 189 -5.66 -12.70 -18.11
CA GLU A 189 -5.05 -13.73 -17.30
C GLU A 189 -5.67 -13.79 -15.92
N THR A 190 -6.41 -12.76 -15.56
CA THR A 190 -7.05 -12.71 -14.25
C THR A 190 -8.39 -13.40 -14.20
N ASN A 191 -8.49 -14.42 -13.36
CA ASN A 191 -9.72 -15.15 -13.15
C ASN A 191 -9.65 -15.75 -11.75
N VAL A 192 -9.89 -14.89 -10.77
CA VAL A 192 -9.87 -15.27 -9.36
C VAL A 192 -11.19 -14.85 -8.73
N VAL A 193 -12.02 -15.83 -8.36
CA VAL A 193 -13.29 -15.54 -7.74
C VAL A 193 -13.07 -15.58 -6.24
N LEU A 194 -13.36 -14.46 -5.57
CA LEU A 194 -13.17 -14.33 -4.14
C LEU A 194 -14.10 -15.18 -3.27
N LYS A 195 -13.58 -15.58 -2.12
CA LYS A 195 -14.34 -16.37 -1.15
C LYS A 195 -13.91 -15.98 0.26
N PRO A 196 -14.80 -16.16 1.24
CA PRO A 196 -14.52 -15.82 2.64
C PRO A 196 -13.22 -16.44 3.15
N GLY A 197 -12.47 -15.65 3.92
CA GLY A 197 -11.22 -16.14 4.49
C GLY A 197 -9.98 -15.72 3.74
N MET A 198 -10.13 -15.33 2.48
CA MET A 198 -8.99 -14.91 1.69
C MET A 198 -8.47 -13.58 2.20
N THR A 199 -7.15 -13.43 2.25
CA THR A 199 -6.55 -12.18 2.70
C THR A 199 -5.55 -11.75 1.64
N PHE A 200 -5.61 -10.47 1.27
CA PHE A 200 -4.72 -9.95 0.25
C PHE A 200 -4.68 -8.43 0.30
N THR A 201 -3.78 -7.85 -0.47
CA THR A 201 -3.64 -6.41 -0.50
C THR A 201 -4.15 -5.80 -1.80
N ILE A 202 -4.46 -4.51 -1.73
CA ILE A 202 -4.86 -3.73 -2.90
C ILE A 202 -3.94 -2.54 -2.69
N GLU A 203 -3.12 -2.23 -3.69
CA GLU A 203 -2.14 -1.16 -3.57
C GLU A 203 -1.77 -0.52 -4.91
N PRO A 204 -2.74 0.13 -5.56
CA PRO A 204 -2.48 0.77 -6.84
C PRO A 204 -1.39 1.85 -6.83
N MET A 205 -0.54 1.82 -7.84
CA MET A 205 0.49 2.83 -8.02
C MET A 205 -0.02 3.62 -9.22
N VAL A 206 -0.25 4.92 -9.02
CA VAL A 206 -0.79 5.77 -10.07
C VAL A 206 0.12 6.94 -10.45
N ASN A 207 0.40 7.07 -11.75
CA ASN A 207 1.25 8.15 -12.23
C ASN A 207 0.40 9.27 -12.81
N ALA A 208 0.79 10.52 -12.54
CA ALA A 208 0.05 11.66 -13.06
C ALA A 208 0.25 11.70 -14.58
N GLY A 209 1.39 11.16 -15.02
CA GLY A 209 1.69 11.14 -16.45
C GLY A 209 1.50 9.77 -17.08
N LYS A 210 2.50 9.31 -17.82
CA LYS A 210 2.42 8.01 -18.50
C LYS A 210 2.79 6.85 -17.58
N LYS A 211 2.28 5.67 -17.90
CA LYS A 211 2.50 4.46 -17.10
C LYS A 211 3.92 3.93 -17.05
N GLU A 212 4.71 4.19 -18.08
CA GLU A 212 6.08 3.70 -18.13
C GLU A 212 6.93 4.12 -16.92
N ILE A 213 7.76 3.18 -16.44
CA ILE A 213 8.64 3.43 -15.31
C ILE A 213 10.04 2.95 -15.65
N ARG A 214 11.01 3.30 -14.80
CA ARG A 214 12.39 2.89 -15.01
C ARG A 214 13.03 2.71 -13.63
N THR A 215 14.05 1.85 -13.56
CA THR A 215 14.73 1.64 -12.29
C THR A 215 16.09 2.30 -12.30
N MET A 216 16.44 2.95 -11.20
CA MET A 216 17.72 3.64 -11.08
C MET A 216 18.88 2.66 -10.97
N LYS A 217 20.10 3.17 -11.08
CA LYS A 217 21.28 2.33 -11.01
C LYS A 217 21.57 1.78 -9.61
N ASP A 218 20.83 2.24 -8.60
CA ASP A 218 21.04 1.74 -7.25
C ASP A 218 20.36 0.39 -7.13
N GLY A 219 19.70 -0.02 -8.20
CA GLY A 219 19.03 -1.30 -8.26
C GLY A 219 17.73 -1.41 -7.50
N TRP A 220 17.27 -0.31 -6.91
CA TRP A 220 16.04 -0.31 -6.13
C TRP A 220 15.02 0.77 -6.49
N THR A 221 15.50 2.01 -6.54
CA THR A 221 14.63 3.13 -6.83
C THR A 221 13.96 3.11 -8.18
N VAL A 222 12.63 3.08 -8.17
CA VAL A 222 11.82 3.06 -9.38
C VAL A 222 11.17 4.44 -9.54
N LYS A 223 11.38 5.08 -10.69
CA LYS A 223 10.81 6.39 -10.95
C LYS A 223 9.97 6.33 -12.22
N THR A 224 9.14 7.34 -12.44
CA THR A 224 8.31 7.40 -13.64
C THR A 224 9.26 7.77 -14.77
N LYS A 225 9.04 7.19 -15.95
CA LYS A 225 9.90 7.49 -17.10
C LYS A 225 9.82 8.97 -17.49
N ASP A 226 8.62 9.54 -17.44
CA ASP A 226 8.43 10.94 -17.79
C ASP A 226 8.60 11.90 -16.62
N ARG A 227 9.09 11.36 -15.51
CA ARG A 227 9.32 12.12 -14.28
C ARG A 227 8.10 12.80 -13.70
N SER A 228 6.92 12.29 -14.04
CA SER A 228 5.68 12.83 -13.49
C SER A 228 5.55 12.29 -12.07
N LEU A 229 4.62 12.85 -11.31
CA LEU A 229 4.40 12.40 -9.96
C LEU A 229 3.73 11.02 -9.97
N SER A 230 3.92 10.26 -8.89
CA SER A 230 3.33 8.93 -8.76
C SER A 230 2.89 8.77 -7.30
N ALA A 231 1.74 8.17 -7.07
CA ALA A 231 1.26 7.99 -5.71
C ALA A 231 0.73 6.59 -5.50
N GLN A 232 0.73 6.15 -4.24
CA GLN A 232 0.25 4.82 -3.91
C GLN A 232 -0.33 4.76 -2.50
N TYR A 233 -1.38 3.94 -2.36
CA TYR A 233 -2.00 3.71 -1.07
C TYR A 233 -2.21 2.20 -1.04
N GLU A 234 -2.10 1.61 0.13
CA GLU A 234 -2.25 0.17 0.26
C GLU A 234 -2.93 -0.22 1.56
N HIS A 235 -3.77 -1.24 1.46
CA HIS A 235 -4.46 -1.79 2.62
C HIS A 235 -4.46 -3.30 2.52
N THR A 236 -4.43 -3.96 3.66
CA THR A 236 -4.49 -5.42 3.72
C THR A 236 -5.92 -5.69 4.17
N ILE A 237 -6.61 -6.61 3.49
CA ILE A 237 -8.00 -6.91 3.84
C ILE A 237 -8.28 -8.40 3.89
N VAL A 238 -9.41 -8.75 4.48
CA VAL A 238 -9.83 -10.15 4.53
C VAL A 238 -11.25 -10.17 3.97
N VAL A 239 -11.55 -11.14 3.12
CA VAL A 239 -12.88 -11.25 2.54
C VAL A 239 -13.77 -11.89 3.59
N THR A 240 -14.96 -11.35 3.77
CA THR A 240 -15.90 -11.88 4.76
C THR A 240 -17.07 -12.52 4.03
N ASP A 241 -18.02 -13.05 4.80
CA ASP A 241 -19.19 -13.69 4.19
C ASP A 241 -20.06 -12.74 3.34
N ASN A 242 -20.05 -11.45 3.69
CA ASN A 242 -20.86 -10.48 2.96
C ASN A 242 -20.09 -9.23 2.52
N GLY A 243 -18.78 -9.35 2.36
CA GLY A 243 -17.98 -8.20 1.95
C GLY A 243 -16.54 -8.34 2.37
N CYS A 244 -16.01 -7.35 3.07
CA CYS A 244 -14.63 -7.44 3.53
C CYS A 244 -14.40 -6.63 4.79
N GLU A 245 -13.25 -6.86 5.40
CA GLU A 245 -12.84 -6.16 6.60
C GLU A 245 -11.43 -5.64 6.30
N ILE A 246 -11.23 -4.34 6.47
CA ILE A 246 -9.94 -3.73 6.23
C ILE A 246 -9.14 -3.90 7.52
N LEU A 247 -8.04 -4.64 7.45
CA LEU A 247 -7.23 -4.92 8.63
C LEU A 247 -6.20 -3.86 8.98
N THR A 248 -5.93 -2.96 8.04
CA THR A 248 -4.95 -1.92 8.27
C THR A 248 -5.57 -0.51 8.28
N LEU A 249 -6.81 -0.40 8.70
CA LEU A 249 -7.47 0.91 8.73
C LEU A 249 -6.83 1.85 9.75
N ARG A 250 -6.77 3.12 9.40
CA ARG A 250 -6.20 4.15 10.27
C ARG A 250 -7.32 5.11 10.65
N LYS A 251 -7.08 5.92 11.68
CA LYS A 251 -8.08 6.89 12.11
C LYS A 251 -8.35 7.93 11.01
N ASP A 252 -7.38 8.17 10.13
CA ASP A 252 -7.59 9.15 9.07
C ASP A 252 -8.31 8.60 7.84
N ASP A 253 -8.48 7.28 7.77
CA ASP A 253 -9.20 6.69 6.65
C ASP A 253 -10.64 7.19 6.76
N THR A 254 -11.32 7.29 5.62
CA THR A 254 -12.69 7.78 5.59
C THR A 254 -13.65 6.75 5.02
N ILE A 255 -13.31 5.48 5.21
CA ILE A 255 -14.12 4.37 4.74
C ILE A 255 -14.25 3.43 5.94
N PRO A 256 -15.42 2.79 6.10
CA PRO A 256 -15.64 1.88 7.23
C PRO A 256 -14.69 0.67 7.25
N ALA A 257 -14.31 0.22 8.44
CA ALA A 257 -13.41 -0.93 8.56
C ALA A 257 -14.12 -2.17 8.03
N ILE A 258 -15.39 -2.31 8.38
CA ILE A 258 -16.17 -3.46 7.93
C ILE A 258 -17.18 -3.03 6.89
N ILE A 259 -17.04 -3.58 5.69
CA ILE A 259 -17.94 -3.26 4.58
C ILE A 259 -18.85 -4.45 4.34
N SER A 260 -20.16 -4.23 4.46
CA SER A 260 -21.13 -5.31 4.26
C SER A 260 -22.05 -5.05 3.09
N HIS A 261 -22.37 -6.11 2.35
CA HIS A 261 -23.25 -6.02 1.20
C HIS A 261 -24.58 -6.72 1.43
N ASP A 262 -24.79 -7.20 2.65
CA ASP A 262 -26.04 -7.87 3.00
C ASP A 262 -27.09 -6.83 3.33
N GLU A 263 -28.36 -7.24 3.28
CA GLU A 263 -29.47 -6.37 3.59
C GLU A 263 -29.78 -6.54 5.08
MN MN B . 3.53 -2.51 1.20
MN MN C . 2.03 -5.15 -0.64
NA NA D . 5.90 9.18 -5.66
OAN A05 E . 3.88 -3.73 -0.47
CAB A05 E . 4.59 -4.58 -1.06
OAO A05 E . 4.16 -5.63 -1.56
CAA A05 E . 6.10 -4.32 -1.19
OAM A05 E . 6.94 -5.16 -1.85
CAD A05 E . 6.86 -3.14 -0.57
CAE A05 E . 8.27 -3.32 -1.14
CAC A05 E . 8.22 -4.69 -1.82
CAG A05 E . 9.22 -5.41 -2.45
CAK A05 E . 8.83 -6.29 -3.45
CAH A05 E . 9.61 -7.13 -4.25
CAF A05 E . 11.11 -6.92 -4.02
NAL A05 E . 11.96 -7.62 -4.77
OAQ A05 E . 11.47 -8.54 -5.73
OAP A05 E . 13.36 -7.46 -4.58
CAI A05 E . 11.68 -5.96 -2.98
CAJ A05 E . 10.57 -5.30 -2.15
CLAR A05 E . 11.09 -4.34 -0.80
#